data_1EEG
#
_entry.id   1EEG
#
_cell.length_a   1.000
_cell.length_b   1.000
_cell.length_c   1.000
_cell.angle_alpha   90.00
_cell.angle_beta   90.00
_cell.angle_gamma   90.00
#
_symmetry.space_group_name_H-M   'P 1'
#
_entity_poly.entity_id   1
_entity_poly.type   'polydeoxyribonucleotide'
_entity_poly.pdbx_seq_one_letter_code
;(DG)(DG)(DA)(DG)(DG)(DA)
;
_entity_poly.pdbx_strand_id   A,B,C,D
#
loop_
_chem_comp.id
_chem_comp.type
_chem_comp.name
_chem_comp.formula
DA DNA linking 2'-DEOXYADENOSINE-5'-MONOPHOSPHATE 'C10 H14 N5 O6 P'
DG DNA linking 2'-DEOXYGUANOSINE-5'-MONOPHOSPHATE 'C10 H14 N5 O7 P'
#